data_5D0I
#
_entry.id   5D0I
#
_cell.length_a   76.220
_cell.length_b   76.220
_cell.length_c   103.260
_cell.angle_alpha   90.00
_cell.angle_beta   90.00
_cell.angle_gamma   90.00
#
_symmetry.space_group_name_H-M   'P 43 21 2'
#
loop_
_entity.id
_entity.type
_entity.pdbx_description
1 polymer 'RING finger protein 165'
2 non-polymer 'ZINC ION'
3 non-polymer 'SULFATE ION'
4 water water
#
_entity_poly.entity_id   1
_entity_poly.type   'polypeptide(L)'
_entity_poly.pdbx_seq_one_letter_code
;GPLGSGAVQNTIERFTFPHKYKKRRPQDGKGKKDEGEESDTDEKCTICLSMLEDGEDVRRLPCMHLFHQLCVDQWLAMSK
KCPICRVDIETQLGADS
;
_entity_poly.pdbx_strand_id   A,B
#
# COMPACT_ATOMS: atom_id res chain seq x y z
N ASN A 10 8.67 -10.91 -5.39
CA ASN A 10 8.29 -10.96 -6.79
C ASN A 10 9.04 -9.91 -7.60
N THR A 11 8.32 -8.86 -8.03
CA THR A 11 8.98 -7.72 -8.63
C THR A 11 9.60 -6.88 -7.53
N ILE A 12 9.01 -6.97 -6.34
CA ILE A 12 9.47 -6.21 -5.17
C ILE A 12 10.93 -6.41 -4.85
N GLU A 13 11.38 -7.66 -4.84
CA GLU A 13 12.73 -7.98 -4.42
C GLU A 13 13.79 -7.45 -5.37
N ARG A 14 13.42 -7.24 -6.63
CA ARG A 14 14.35 -6.74 -7.64
C ARG A 14 14.66 -5.26 -7.46
N PHE A 15 13.77 -4.52 -6.81
CA PHE A 15 13.91 -3.06 -6.78
C PHE A 15 14.07 -2.49 -5.38
N THR A 16 14.06 -3.35 -4.37
CA THR A 16 14.11 -2.88 -2.99
C THR A 16 15.09 -3.69 -2.15
N PHE A 17 15.29 -3.27 -0.91
CA PHE A 17 16.29 -3.89 -0.04
C PHE A 17 15.67 -4.43 1.25
N PRO A 18 15.33 -5.73 1.27
CA PRO A 18 14.85 -6.38 2.49
C PRO A 18 16.03 -6.69 3.41
N HIS A 19 15.91 -6.41 4.70
CA HIS A 19 17.03 -6.65 5.62
C HIS A 19 16.54 -6.59 7.05
N LYS A 20 17.39 -7.05 7.97
CA LYS A 20 17.11 -6.96 9.39
C LYS A 20 17.54 -5.59 9.91
N TYR A 21 16.65 -4.94 10.63
CA TYR A 21 16.94 -3.61 11.16
C TYR A 21 18.01 -3.67 12.25
N LYS A 22 18.88 -2.67 12.28
CA LYS A 22 19.93 -2.60 13.31
C LYS A 22 19.83 -1.31 14.14
N ASP A 42 16.11 6.81 16.49
CA ASP A 42 14.72 6.32 16.51
C ASP A 42 14.01 6.55 15.18
N GLU A 43 13.66 5.45 14.51
CA GLU A 43 12.93 5.54 13.25
C GLU A 43 11.57 4.87 13.38
N LYS A 44 10.58 5.43 12.71
CA LYS A 44 9.21 4.92 12.81
C LYS A 44 8.70 4.43 11.46
N CYS A 45 7.99 3.31 11.46
CA CYS A 45 7.28 2.86 10.26
C CYS A 45 6.03 3.72 10.08
N THR A 46 5.90 4.40 8.95
CA THR A 46 4.78 5.32 8.76
C THR A 46 3.46 4.59 8.48
N ILE A 47 3.51 3.28 8.28
CA ILE A 47 2.29 2.54 8.00
C ILE A 47 1.61 2.10 9.29
N CYS A 48 2.37 1.45 10.18
CA CYS A 48 1.81 0.97 11.45
C CYS A 48 2.02 1.93 12.61
N LEU A 49 2.87 2.93 12.37
CA LEU A 49 3.19 3.98 13.36
C LEU A 49 4.08 3.49 14.50
N SER A 50 4.62 2.28 14.40
CA SER A 50 5.46 1.82 15.49
C SER A 50 6.96 1.99 15.15
N MET A 51 7.76 2.16 16.20
CA MET A 51 9.21 2.31 16.05
C MET A 51 9.80 1.06 15.43
N LEU A 52 10.78 1.27 14.55
CA LEU A 52 11.58 0.18 14.02
C LEU A 52 12.54 -0.31 15.09
N GLU A 53 12.49 -1.60 15.41
CA GLU A 53 13.34 -2.14 16.47
C GLU A 53 14.32 -3.18 15.92
N ASP A 54 15.37 -3.44 16.67
CA ASP A 54 16.47 -4.30 16.25
C ASP A 54 15.99 -5.72 15.87
N GLY A 55 16.43 -6.20 14.71
CA GLY A 55 16.10 -7.54 14.27
C GLY A 55 14.80 -7.65 13.47
N GLU A 56 14.03 -6.57 13.41
CA GLU A 56 12.80 -6.62 12.64
C GLU A 56 13.07 -6.63 11.14
N ASP A 57 12.23 -7.36 10.42
CA ASP A 57 12.32 -7.44 8.97
C ASP A 57 11.80 -6.15 8.39
N VAL A 58 12.70 -5.40 7.74
CA VAL A 58 12.33 -4.10 7.18
C VAL A 58 12.76 -4.04 5.73
N ARG A 59 12.35 -3.00 5.03
CA ARG A 59 12.63 -2.91 3.61
C ARG A 59 12.90 -1.47 3.21
N ARG A 60 14.02 -1.24 2.52
CA ARG A 60 14.29 0.10 2.03
C ARG A 60 13.94 0.17 0.54
N LEU A 61 13.31 1.28 0.14
CA LEU A 61 12.93 1.51 -1.25
C LEU A 61 13.99 2.36 -1.94
N PRO A 62 13.95 2.45 -3.29
CA PRO A 62 14.97 3.24 -4.00
C PRO A 62 15.02 4.73 -3.62
N CYS A 63 13.93 5.23 -3.04
CA CYS A 63 13.83 6.60 -2.58
C CYS A 63 14.41 6.78 -1.17
N MET A 64 14.88 5.66 -0.60
CA MET A 64 15.51 5.57 0.72
C MET A 64 14.50 5.48 1.88
N HIS A 65 13.21 5.55 1.59
CA HIS A 65 12.23 5.35 2.67
C HIS A 65 12.20 3.89 3.12
N LEU A 66 11.94 3.72 4.42
CA LEU A 66 12.10 2.45 5.13
C LEU A 66 10.79 2.06 5.79
N PHE A 67 10.42 0.78 5.70
CA PHE A 67 9.16 0.28 6.27
C PHE A 67 9.38 -1.13 6.82
N HIS A 68 8.49 -1.58 7.71
CA HIS A 68 8.45 -3.01 7.99
C HIS A 68 8.06 -3.74 6.73
N GLN A 69 8.65 -4.90 6.48
CA GLN A 69 8.19 -5.78 5.41
C GLN A 69 6.71 -6.18 5.58
N LEU A 70 6.31 -6.54 6.79
CA LEU A 70 4.92 -6.93 7.01
C LEU A 70 3.98 -5.82 6.51
N CYS A 71 4.28 -4.59 6.92
CA CYS A 71 3.39 -3.47 6.68
C CYS A 71 3.30 -3.10 5.22
N VAL A 72 4.41 -3.24 4.49
CA VAL A 72 4.45 -2.65 3.16
C VAL A 72 4.38 -3.66 2.01
N ASP A 73 4.83 -4.89 2.23
CA ASP A 73 5.12 -5.76 1.09
C ASP A 73 3.90 -6.07 0.21
N GLN A 74 2.74 -6.33 0.81
CA GLN A 74 1.60 -6.72 -0.02
C GLN A 74 1.07 -5.50 -0.79
N TRP A 75 0.98 -4.37 -0.11
CA TRP A 75 0.55 -3.13 -0.77
C TRP A 75 1.49 -2.76 -1.89
N LEU A 76 2.79 -2.83 -1.58
CA LEU A 76 3.82 -2.38 -2.53
C LEU A 76 3.87 -3.25 -3.78
N ALA A 77 3.64 -4.55 -3.63
CA ALA A 77 3.62 -5.45 -4.79
C ALA A 77 2.54 -5.01 -5.78
N MET A 78 1.48 -4.38 -5.27
CA MET A 78 0.39 -3.94 -6.13
C MET A 78 0.58 -2.49 -6.62
N SER A 79 0.96 -1.59 -5.73
CA SER A 79 1.10 -0.19 -6.13
C SER A 79 2.45 0.12 -6.79
N LYS A 80 3.50 -0.60 -6.41
CA LYS A 80 4.83 -0.39 -6.97
C LYS A 80 5.34 1.04 -6.73
N LYS A 81 4.80 1.71 -5.72
CA LYS A 81 5.24 3.07 -5.43
C LYS A 81 5.37 3.29 -3.94
N CYS A 82 6.29 4.16 -3.56
CA CYS A 82 6.48 4.48 -2.14
C CYS A 82 5.24 5.17 -1.57
N PRO A 83 4.68 4.63 -0.47
CA PRO A 83 3.56 5.23 0.24
C PRO A 83 3.84 6.68 0.65
N ILE A 84 5.08 6.99 0.96
CA ILE A 84 5.37 8.34 1.44
C ILE A 84 5.53 9.36 0.31
N CYS A 85 6.44 9.07 -0.63
CA CYS A 85 6.80 10.05 -1.65
C CYS A 85 6.25 9.72 -3.02
N ARG A 86 5.51 8.62 -3.14
CA ARG A 86 4.79 8.25 -4.37
C ARG A 86 5.68 7.92 -5.57
N VAL A 87 6.99 7.84 -5.37
CA VAL A 87 7.88 7.50 -6.48
C VAL A 87 7.86 5.99 -6.78
N ASP A 88 7.67 5.65 -8.05
CA ASP A 88 7.63 4.26 -8.52
C ASP A 88 8.95 3.57 -8.22
N ILE A 89 8.88 2.36 -7.68
CA ILE A 89 10.11 1.64 -7.35
C ILE A 89 10.80 1.07 -8.58
N GLU A 90 10.07 0.98 -9.69
CA GLU A 90 10.64 0.45 -10.94
C GLU A 90 11.16 1.57 -11.81
N GLU B 43 -18.02 -13.01 -6.50
CA GLU B 43 -16.98 -12.12 -7.00
C GLU B 43 -16.02 -11.68 -5.90
N LYS B 44 -14.77 -11.39 -6.31
CA LYS B 44 -13.69 -11.13 -5.36
C LYS B 44 -13.36 -9.66 -5.24
N CYS B 45 -12.97 -9.25 -4.04
CA CYS B 45 -12.27 -7.99 -3.90
C CYS B 45 -10.86 -8.23 -4.43
N THR B 46 -10.45 -7.50 -5.47
CA THR B 46 -9.13 -7.71 -6.06
C THR B 46 -7.99 -7.26 -5.15
N ILE B 47 -8.31 -6.58 -4.05
CA ILE B 47 -7.26 -6.08 -3.17
C ILE B 47 -6.86 -7.15 -2.16
N CYS B 48 -7.84 -7.71 -1.46
CA CYS B 48 -7.57 -8.71 -0.41
C CYS B 48 -7.78 -10.13 -0.92
N LEU B 49 -8.30 -10.26 -2.14
CA LEU B 49 -8.59 -11.54 -2.77
C LEU B 49 -9.63 -12.37 -2.03
N SER B 50 -10.43 -11.72 -1.20
CA SER B 50 -11.56 -12.40 -0.55
C SER B 50 -12.87 -11.99 -1.22
N MET B 51 -13.90 -12.80 -1.05
CA MET B 51 -15.19 -12.52 -1.66
C MET B 51 -15.86 -11.29 -1.06
N LEU B 52 -16.63 -10.57 -1.88
CA LEU B 52 -17.53 -9.55 -1.38
C LEU B 52 -18.83 -10.22 -0.92
N GLU B 53 -18.97 -10.44 0.39
CA GLU B 53 -20.13 -11.15 0.92
C GLU B 53 -21.11 -10.17 1.56
N GLU B 56 -21.03 -7.06 4.47
CA GLU B 56 -19.73 -6.39 4.42
C GLU B 56 -19.79 -4.99 3.81
N ASP B 57 -19.06 -4.04 4.40
CA ASP B 57 -18.98 -2.70 3.87
C ASP B 57 -18.18 -2.67 2.58
N VAL B 58 -18.80 -2.18 1.51
CA VAL B 58 -18.10 -2.07 0.25
C VAL B 58 -18.18 -0.64 -0.26
N ARG B 59 -17.18 -0.25 -1.05
CA ARG B 59 -17.18 1.05 -1.70
C ARG B 59 -16.94 0.86 -3.18
N ARG B 60 -17.77 1.52 -3.99
CA ARG B 60 -17.59 1.55 -5.44
C ARG B 60 -16.89 2.84 -5.85
N LEU B 61 -15.79 2.72 -6.59
CA LEU B 61 -15.05 3.88 -7.07
C LEU B 61 -15.86 4.52 -8.20
N PRO B 62 -15.58 5.81 -8.51
CA PRO B 62 -16.25 6.54 -9.59
C PRO B 62 -16.13 5.85 -10.95
N CYS B 63 -15.12 5.01 -11.13
CA CYS B 63 -14.94 4.27 -12.38
C CYS B 63 -15.79 3.01 -12.43
N MET B 64 -16.56 2.79 -11.35
CA MET B 64 -17.50 1.68 -11.15
C MET B 64 -16.90 0.45 -10.48
N HIS B 65 -15.57 0.41 -10.37
CA HIS B 65 -14.93 -0.76 -9.76
C HIS B 65 -15.21 -0.84 -8.26
N LEU B 66 -15.47 -2.05 -7.80
CA LEU B 66 -16.00 -2.32 -6.45
C LEU B 66 -15.01 -3.09 -5.57
N PHE B 67 -14.90 -2.66 -4.31
CA PHE B 67 -13.98 -3.27 -3.33
C PHE B 67 -14.61 -3.26 -1.94
N HIS B 68 -14.05 -4.03 -1.01
CA HIS B 68 -14.34 -3.78 0.40
C HIS B 68 -13.95 -2.36 0.70
N GLN B 69 -14.73 -1.70 1.56
CA GLN B 69 -14.45 -0.33 1.93
C GLN B 69 -13.09 -0.18 2.58
N LEU B 70 -12.80 -1.01 3.58
CA LEU B 70 -11.51 -0.90 4.27
C LEU B 70 -10.37 -1.19 3.31
N CYS B 71 -10.57 -2.11 2.38
CA CYS B 71 -9.53 -2.42 1.40
C CYS B 71 -9.17 -1.21 0.51
N VAL B 72 -10.18 -0.62 -0.12
CA VAL B 72 -9.87 0.43 -1.08
C VAL B 72 -9.56 1.74 -0.36
N ASP B 73 -10.09 1.94 0.85
CA ASP B 73 -9.75 3.16 1.59
C ASP B 73 -8.28 3.15 2.00
N GLN B 74 -7.76 2.00 2.44
CA GLN B 74 -6.31 1.89 2.67
C GLN B 74 -5.53 2.01 1.36
N TRP B 75 -6.00 1.37 0.30
CA TRP B 75 -5.31 1.48 -0.99
C TRP B 75 -5.15 2.94 -1.40
N LEU B 76 -6.22 3.71 -1.28
CA LEU B 76 -6.20 5.11 -1.72
C LEU B 76 -5.26 5.96 -0.88
N ALA B 77 -5.03 5.55 0.37
CA ALA B 77 -3.97 6.18 1.14
C ALA B 77 -2.59 5.93 0.48
N MET B 78 -2.42 4.76 -0.13
CA MET B 78 -1.13 4.35 -0.75
C MET B 78 -0.97 4.85 -2.19
N SER B 79 -2.08 5.06 -2.88
CA SER B 79 -2.07 5.46 -4.29
C SER B 79 -3.44 5.98 -4.71
N LYS B 80 -3.49 7.19 -5.27
CA LYS B 80 -4.78 7.79 -5.64
C LYS B 80 -5.19 7.32 -7.02
N LYS B 81 -5.27 6.00 -7.21
CA LYS B 81 -5.68 5.43 -8.49
C LYS B 81 -6.57 4.22 -8.25
N CYS B 82 -7.43 3.91 -9.21
CA CYS B 82 -8.18 2.67 -9.11
C CYS B 82 -7.21 1.52 -9.25
N PRO B 83 -7.24 0.57 -8.32
CA PRO B 83 -6.43 -0.65 -8.34
C PRO B 83 -6.57 -1.45 -9.62
N ILE B 84 -7.73 -1.36 -10.26
CA ILE B 84 -8.00 -2.19 -11.43
C ILE B 84 -7.68 -1.47 -12.73
N CYS B 85 -8.29 -0.31 -12.93
CA CYS B 85 -8.20 0.39 -14.22
C CYS B 85 -7.26 1.60 -14.17
N ARG B 86 -6.65 1.86 -13.01
CA ARG B 86 -5.60 2.88 -12.87
C ARG B 86 -6.05 4.32 -13.14
N VAL B 87 -7.36 4.56 -13.22
CA VAL B 87 -7.87 5.92 -13.37
C VAL B 87 -7.49 6.76 -12.14
N ASP B 88 -7.09 8.02 -12.36
CA ASP B 88 -6.77 8.91 -11.24
C ASP B 88 -8.01 9.21 -10.42
N ILE B 89 -7.90 9.03 -9.11
CA ILE B 89 -9.01 9.27 -8.20
C ILE B 89 -8.83 10.61 -7.50
N GLU B 90 -9.84 11.46 -7.60
CA GLU B 90 -9.83 12.76 -6.94
C GLU B 90 -10.68 12.65 -5.67
N THR B 91 -10.26 13.35 -4.61
CA THR B 91 -10.95 13.26 -3.32
C THR B 91 -11.38 14.63 -2.81
N GLN B 92 -12.67 14.76 -2.47
CA GLN B 92 -13.17 15.96 -1.80
C GLN B 92 -13.64 15.59 -0.38
N LEU B 93 -13.08 16.26 0.63
CA LEU B 93 -13.49 16.00 2.00
C LEU B 93 -14.43 17.09 2.49
N GLY B 94 -15.38 16.73 3.34
CA GLY B 94 -16.30 17.70 3.91
C GLY B 94 -16.60 17.35 5.36
N ALA B 95 -17.19 18.28 6.09
CA ALA B 95 -17.52 17.99 7.49
C ALA B 95 -19.01 18.23 7.76
#